data_5I21
#
_entry.id   5I21
#
_cell.length_a   114.362
_cell.length_b   114.362
_cell.length_c   28.343
_cell.angle_alpha   90.00
_cell.angle_beta   90.00
_cell.angle_gamma   120.00
#
_symmetry.space_group_name_H-M   'P 6'
#
loop_
_entity.id
_entity.type
_entity.pdbx_description
1 polymer 'RNA-binding protein Hfq'
2 non-polymer 'CHLORIDE ION'
3 water water
#
_entity_poly.entity_id   1
_entity_poly.type   'polypeptide(L)'
_entity_poly.pdbx_seq_one_letter_code
;MSKGHSLQDPYLNTLRKERVPVSIYLVNGIKLQGQIESFDQFVILLKNTVSQMVWKHAISTVVPSRPVRLPSGDQPAEPG
NA
;
_entity_poly.pdbx_strand_id   A,B,C
#
loop_
_chem_comp.id
_chem_comp.type
_chem_comp.name
_chem_comp.formula
CL non-polymer 'CHLORIDE ION' 'Cl -1'
#
# COMPACT_ATOMS: atom_id res chain seq x y z
N SER A 6 -6.81 4.03 14.30
CA SER A 6 -7.37 2.75 13.88
C SER A 6 -7.07 2.45 12.42
N LEU A 7 -7.21 3.44 11.54
CA LEU A 7 -7.00 3.15 10.12
C LEU A 7 -5.56 3.39 9.69
N GLN A 8 -4.93 4.45 10.18
CA GLN A 8 -3.65 4.78 9.58
C GLN A 8 -2.54 3.83 10.03
N ASP A 9 -2.67 3.21 11.20
CA ASP A 9 -1.60 2.31 11.63
C ASP A 9 -1.51 1.07 10.74
N PRO A 10 -2.56 0.28 10.52
CA PRO A 10 -2.42 -0.87 9.62
C PRO A 10 -2.08 -0.48 8.20
N TYR A 11 -2.58 0.65 7.75
CA TYR A 11 -2.26 1.13 6.40
C TYR A 11 -0.78 1.44 6.26
N LEU A 12 -0.24 2.27 7.15
CA LEU A 12 1.19 2.57 7.09
C LEU A 12 2.03 1.34 7.35
N ASN A 13 1.56 0.44 8.21
CA ASN A 13 2.35 -0.77 8.48
C ASN A 13 2.46 -1.65 7.24
N THR A 14 1.37 -1.74 6.46
CA THR A 14 1.42 -2.53 5.23
C THR A 14 2.36 -1.91 4.22
N LEU A 15 2.32 -0.58 4.09
CA LEU A 15 3.22 0.10 3.17
C LEU A 15 4.68 -0.13 3.57
N ARG A 16 4.96 -0.11 4.87
CA ARG A 16 6.30 -0.35 5.36
C ARG A 16 6.71 -1.80 5.13
N LYS A 17 5.84 -2.74 5.52
CA LYS A 17 6.21 -4.16 5.46
C LYS A 17 6.49 -4.60 4.03
N GLU A 18 5.71 -4.09 3.07
CA GLU A 18 5.83 -4.52 1.69
C GLU A 18 6.71 -3.58 0.87
N ARG A 19 7.41 -2.65 1.51
CA ARG A 19 8.35 -1.77 0.85
C ARG A 19 7.72 -1.07 -0.35
N VAL A 20 6.50 -0.60 -0.17
CA VAL A 20 5.74 0.05 -1.25
C VAL A 20 6.28 1.46 -1.47
N PRO A 21 6.76 1.80 -2.67
CA PRO A 21 7.10 3.20 -2.93
C PRO A 21 5.86 4.06 -2.80
N VAL A 22 6.00 5.19 -2.11
CA VAL A 22 4.90 6.14 -1.92
C VAL A 22 5.32 7.53 -2.35
N SER A 23 4.31 8.34 -2.63
CA SER A 23 4.47 9.79 -2.69
C SER A 23 3.75 10.36 -1.47
N ILE A 24 4.41 11.27 -0.77
CA ILE A 24 3.81 11.96 0.37
C ILE A 24 3.68 13.42 0.00
N TYR A 25 2.45 13.93 -0.02
CA TYR A 25 2.21 15.32 -0.33
C TYR A 25 2.06 16.09 0.97
N LEU A 26 2.77 17.20 1.06
CA LEU A 26 2.78 18.03 2.25
C LEU A 26 1.65 19.06 2.16
N VAL A 27 1.39 19.72 3.29
CA VAL A 27 0.27 20.66 3.34
C VAL A 27 0.51 21.85 2.42
N ASN A 28 1.75 22.12 2.05
CA ASN A 28 2.05 23.18 1.09
C ASN A 28 2.04 22.69 -0.36
N GLY A 29 1.78 21.41 -0.60
CA GLY A 29 1.76 20.87 -1.94
C GLY A 29 3.06 20.22 -2.40
N ILE A 30 4.15 20.38 -1.65
CA ILE A 30 5.41 19.72 -1.98
C ILE A 30 5.22 18.21 -1.98
N LYS A 31 5.79 17.55 -2.97
CA LYS A 31 5.75 16.09 -3.09
C LYS A 31 7.07 15.47 -2.64
N LEU A 32 7.01 14.55 -1.69
CA LEU A 32 8.16 13.75 -1.31
C LEU A 32 7.96 12.33 -1.83
N GLN A 33 9.08 11.62 -2.05
CA GLN A 33 9.00 10.25 -2.53
C GLN A 33 9.99 9.36 -1.81
N GLY A 34 9.58 8.11 -1.61
CA GLY A 34 10.47 7.12 -1.04
C GLY A 34 9.67 5.94 -0.51
N GLN A 35 10.32 5.19 0.37
CA GLN A 35 9.69 4.08 1.05
C GLN A 35 9.59 4.42 2.54
N ILE A 36 8.51 3.98 3.17
CA ILE A 36 8.32 4.20 4.60
C ILE A 36 9.20 3.22 5.36
N GLU A 37 10.24 3.74 6.01
CA GLU A 37 11.16 2.90 6.78
C GLU A 37 10.62 2.64 8.18
N SER A 38 10.02 3.65 8.81
CA SER A 38 9.39 3.48 10.11
C SER A 38 8.42 4.64 10.30
N PHE A 39 7.53 4.50 11.29
CA PHE A 39 6.56 5.54 11.58
C PHE A 39 6.05 5.36 13.00
N ASP A 40 5.49 6.44 13.54
CA ASP A 40 4.74 6.34 14.79
C ASP A 40 3.53 7.26 14.68
N GLN A 41 2.91 7.62 15.81
CA GLN A 41 1.73 8.46 15.71
C GLN A 41 2.04 9.88 15.30
N PHE A 42 3.32 10.28 15.25
CA PHE A 42 3.68 11.67 14.97
C PHE A 42 4.51 11.88 13.72
N VAL A 43 5.38 10.94 13.34
CA VAL A 43 6.28 11.16 12.21
C VAL A 43 6.37 9.90 11.34
N ILE A 44 6.88 10.10 10.14
CA ILE A 44 7.22 9.04 9.20
C ILE A 44 8.67 9.21 8.83
N LEU A 45 9.44 8.12 8.91
CA LEU A 45 10.82 8.12 8.41
C LEU A 45 10.79 7.63 6.97
N LEU A 46 11.13 8.50 6.03
CA LEU A 46 10.98 8.25 4.61
C LEU A 46 12.37 8.10 4.01
N LYS A 47 12.63 6.93 3.42
CA LYS A 47 13.96 6.60 2.94
C LYS A 47 14.01 6.72 1.42
N ASN A 48 15.00 7.45 0.93
CA ASN A 48 15.27 7.61 -0.49
C ASN A 48 16.78 7.53 -0.68
N THR A 49 17.43 8.67 -0.91
CA THR A 49 18.88 8.75 -0.83
C THR A 49 19.36 9.07 0.58
N VAL A 50 18.50 9.71 1.37
CA VAL A 50 18.73 9.96 2.78
C VAL A 50 17.47 9.51 3.52
N SER A 51 17.59 9.37 4.84
CA SER A 51 16.45 9.07 5.70
C SER A 51 15.93 10.40 6.25
N GLN A 52 14.87 10.91 5.65
CA GLN A 52 14.31 12.18 6.10
C GLN A 52 13.07 11.93 6.94
N MET A 53 12.94 12.70 8.00
CA MET A 53 11.82 12.57 8.91
C MET A 53 10.76 13.58 8.52
N VAL A 54 9.52 13.10 8.39
CA VAL A 54 8.39 13.90 7.94
C VAL A 54 7.36 13.93 9.07
N TRP A 55 6.94 15.12 9.46
CA TRP A 55 5.95 15.24 10.52
C TRP A 55 4.55 15.09 9.95
N LYS A 56 3.75 14.22 10.57
CA LYS A 56 2.42 13.95 10.04
C LYS A 56 1.52 15.18 10.07
N HIS A 57 1.77 16.12 11.00
CA HIS A 57 0.98 17.35 11.00
C HIS A 57 1.18 18.16 9.74
N ALA A 58 2.24 17.88 8.97
CA ALA A 58 2.52 18.57 7.72
C ALA A 58 2.16 17.75 6.50
N ILE A 59 1.53 16.59 6.68
CA ILE A 59 1.18 15.70 5.58
C ILE A 59 -0.28 15.91 5.23
N SER A 60 -0.57 16.02 3.92
CA SER A 60 -1.96 15.98 3.49
C SER A 60 -2.39 14.60 3.02
N THR A 61 -1.57 13.93 2.21
CA THR A 61 -2.01 12.64 1.70
C THR A 61 -0.80 11.77 1.38
N VAL A 62 -0.98 10.47 1.59
CA VAL A 62 0.00 9.46 1.23
C VAL A 62 -0.58 8.67 0.06
N VAL A 63 0.16 8.59 -1.03
CA VAL A 63 -0.34 7.96 -2.26
C VAL A 63 0.57 6.79 -2.62
N PRO A 64 0.14 5.55 -2.45
CA PRO A 64 0.98 4.42 -2.86
C PRO A 64 1.14 4.35 -4.37
N SER A 65 2.31 3.88 -4.80
CA SER A 65 2.61 3.80 -6.22
C SER A 65 1.84 2.71 -6.93
N ARG A 66 1.36 1.72 -6.19
CA ARG A 66 0.59 0.61 -6.74
C ARG A 66 -0.57 0.32 -5.81
N PRO A 67 -1.64 -0.28 -6.33
CA PRO A 67 -2.70 -0.80 -5.45
C PRO A 67 -2.10 -1.73 -4.40
N VAL A 68 -2.65 -1.66 -3.19
CA VAL A 68 -2.14 -2.42 -2.05
C VAL A 68 -3.30 -3.16 -1.39
N ARG A 69 -3.06 -4.41 -1.00
CA ARG A 69 -4.08 -5.22 -0.35
C ARG A 69 -3.91 -5.08 1.16
N LEU A 70 -4.87 -4.41 1.80
CA LEU A 70 -4.87 -4.31 3.26
C LEU A 70 -5.71 -5.42 3.88
N SER B 6 15.15 -23.75 7.89
CA SER B 6 15.12 -22.60 8.79
C SER B 6 14.86 -21.30 8.03
N LEU B 7 15.57 -21.08 6.92
CA LEU B 7 15.48 -19.81 6.24
C LEU B 7 14.47 -19.81 5.10
N GLN B 8 14.39 -20.91 4.35
CA GLN B 8 13.59 -20.83 3.14
C GLN B 8 12.10 -20.81 3.46
N ASP B 9 11.68 -21.38 4.58
CA ASP B 9 10.25 -21.37 4.88
C ASP B 9 9.71 -19.96 5.11
N PRO B 10 10.26 -19.15 6.03
CA PRO B 10 9.74 -17.78 6.17
C PRO B 10 9.91 -16.95 4.92
N TYR B 11 11.00 -17.17 4.19
CA TYR B 11 11.25 -16.41 2.96
C TYR B 11 10.17 -16.70 1.92
N LEU B 12 9.98 -17.98 1.59
CA LEU B 12 8.97 -18.33 0.60
C LEU B 12 7.57 -17.96 1.06
N ASN B 13 7.30 -18.10 2.37
CA ASN B 13 5.97 -17.76 2.87
C ASN B 13 5.71 -16.26 2.77
N THR B 14 6.75 -15.44 2.97
CA THR B 14 6.59 -14.00 2.82
C THR B 14 6.29 -13.65 1.37
N LEU B 15 7.04 -14.23 0.43
CA LEU B 15 6.74 -14.01 -0.98
C LEU B 15 5.33 -14.46 -1.33
N ARG B 16 4.88 -15.59 -0.78
CA ARG B 16 3.55 -16.09 -1.06
C ARG B 16 2.47 -15.13 -0.53
N LYS B 17 2.55 -14.79 0.76
CA LYS B 17 1.49 -14.01 1.39
C LYS B 17 1.39 -12.61 0.80
N GLU B 18 2.53 -12.03 0.43
CA GLU B 18 2.60 -10.68 -0.12
C GLU B 18 2.50 -10.65 -1.65
N ARG B 19 2.26 -11.80 -2.28
CA ARG B 19 2.04 -11.90 -3.73
C ARG B 19 3.16 -11.24 -4.53
N VAL B 20 4.40 -11.47 -4.12
CA VAL B 20 5.54 -10.81 -4.74
C VAL B 20 5.83 -11.49 -6.07
N PRO B 21 5.88 -10.77 -7.17
CA PRO B 21 6.37 -11.37 -8.41
C PRO B 21 7.81 -11.83 -8.23
N VAL B 22 8.12 -13.04 -8.69
CA VAL B 22 9.46 -13.59 -8.58
C VAL B 22 9.91 -14.15 -9.92
N SER B 23 11.22 -14.24 -10.07
CA SER B 23 11.86 -15.05 -11.10
C SER B 23 12.48 -16.25 -10.40
N ILE B 24 12.27 -17.44 -10.95
CA ILE B 24 12.88 -18.65 -10.45
C ILE B 24 13.80 -19.17 -11.55
N TYR B 25 15.08 -19.29 -11.24
CA TYR B 25 16.03 -19.80 -12.20
C TYR B 25 16.29 -21.26 -11.90
N LEU B 26 16.18 -22.09 -12.93
CA LEU B 26 16.40 -23.52 -12.78
C LEU B 26 17.87 -23.86 -12.96
N VAL B 27 18.22 -25.11 -12.62
CA VAL B 27 19.61 -25.52 -12.64
C VAL B 27 20.21 -25.47 -14.04
N ASN B 28 19.39 -25.52 -15.08
CA ASN B 28 19.90 -25.38 -16.44
C ASN B 28 19.91 -23.93 -16.92
N GLY B 29 19.54 -22.97 -16.07
CA GLY B 29 19.56 -21.58 -16.44
C GLY B 29 18.25 -21.01 -16.97
N ILE B 30 17.23 -21.84 -17.21
CA ILE B 30 15.93 -21.36 -17.67
C ILE B 30 15.29 -20.50 -16.59
N LYS B 31 14.69 -19.38 -17.00
CA LYS B 31 14.00 -18.45 -16.11
C LYS B 31 12.50 -18.69 -16.14
N LEU B 32 11.91 -18.95 -14.97
CA LEU B 32 10.47 -18.98 -14.82
C LEU B 32 10.02 -17.72 -14.08
N GLN B 33 8.77 -17.29 -14.33
CA GLN B 33 8.24 -16.09 -13.70
C GLN B 33 6.84 -16.33 -13.21
N GLY B 34 6.49 -15.69 -12.09
CA GLY B 34 5.13 -15.77 -11.58
C GLY B 34 5.09 -15.38 -10.11
N GLN B 35 3.99 -15.77 -9.47
CA GLN B 35 3.81 -15.60 -8.04
C GLN B 35 3.76 -16.98 -7.39
N ILE B 36 4.30 -17.07 -6.18
CA ILE B 36 4.28 -18.33 -5.45
C ILE B 36 2.88 -18.52 -4.87
N GLU B 37 2.18 -19.53 -5.35
CA GLU B 37 0.85 -19.83 -4.86
C GLU B 37 0.89 -20.71 -3.61
N SER B 38 1.79 -21.69 -3.59
CA SER B 38 1.95 -22.62 -2.48
C SER B 38 3.33 -23.26 -2.61
N PHE B 39 3.81 -23.84 -1.51
CA PHE B 39 5.10 -24.51 -1.52
C PHE B 39 5.16 -25.47 -0.34
N ASP B 40 6.05 -26.45 -0.46
CA ASP B 40 6.42 -27.31 0.67
C ASP B 40 7.92 -27.54 0.59
N GLN B 41 8.40 -28.58 1.28
CA GLN B 41 9.84 -28.84 1.29
C GLN B 41 10.34 -29.43 -0.01
N PHE B 42 9.44 -29.76 -0.94
CA PHE B 42 9.80 -30.42 -2.20
C PHE B 42 9.54 -29.60 -3.44
N VAL B 43 8.44 -28.84 -3.47
CA VAL B 43 7.99 -28.18 -4.70
C VAL B 43 7.50 -26.78 -4.40
N ILE B 44 7.47 -25.96 -5.45
CA ILE B 44 6.83 -24.65 -5.45
C ILE B 44 5.76 -24.66 -6.55
N LEU B 45 4.56 -24.21 -6.22
CA LEU B 45 3.52 -24.03 -7.22
C LEU B 45 3.58 -22.58 -7.66
N LEU B 46 3.94 -22.36 -8.92
CA LEU B 46 4.19 -21.03 -9.45
C LEU B 46 3.02 -20.66 -10.34
N LYS B 47 2.34 -19.58 -9.98
CA LYS B 47 1.13 -19.15 -10.65
C LYS B 47 1.46 -18.07 -11.66
N ASN B 48 1.05 -18.30 -12.90
CA ASN B 48 1.12 -17.34 -13.97
C ASN B 48 -0.16 -17.51 -14.78
N THR B 49 -0.07 -17.96 -16.03
CA THR B 49 -1.29 -18.30 -16.77
C THR B 49 -1.85 -19.66 -16.35
N VAL B 50 -0.98 -20.57 -15.93
CA VAL B 50 -1.35 -21.82 -15.29
C VAL B 50 -0.56 -21.93 -14.00
N SER B 51 -0.93 -22.89 -13.16
CA SER B 51 -0.16 -23.18 -11.96
C SER B 51 0.80 -24.32 -12.31
N GLN B 52 2.05 -23.97 -12.60
CA GLN B 52 3.04 -24.99 -12.93
C GLN B 52 3.79 -25.37 -11.66
N MET B 53 4.03 -26.66 -11.50
CA MET B 53 4.74 -27.15 -10.32
C MET B 53 6.22 -27.23 -10.66
N VAL B 54 7.05 -26.65 -9.79
CA VAL B 54 8.50 -26.59 -9.95
C VAL B 54 9.13 -27.39 -8.82
N TRP B 55 10.01 -28.33 -9.17
CA TRP B 55 10.69 -29.11 -8.15
C TRP B 55 11.90 -28.36 -7.62
N LYS B 56 11.99 -28.29 -6.29
CA LYS B 56 13.07 -27.50 -5.69
C LYS B 56 14.44 -28.07 -6.01
N HIS B 57 14.55 -29.38 -6.22
CA HIS B 57 15.84 -29.94 -6.59
C HIS B 57 16.35 -29.40 -7.91
N ALA B 58 15.48 -28.80 -8.71
CA ALA B 58 15.84 -28.23 -9.99
C ALA B 58 15.98 -26.71 -9.95
N ILE B 59 15.83 -26.09 -8.78
CA ILE B 59 15.91 -24.64 -8.65
C ILE B 59 17.33 -24.27 -8.24
N SER B 60 17.87 -23.25 -8.88
CA SER B 60 19.12 -22.68 -8.37
C SER B 60 18.89 -21.44 -7.50
N THR B 61 18.07 -20.50 -7.94
N THR B 61 18.05 -20.53 -7.96
CA THR B 61 17.88 -19.28 -7.16
CA THR B 61 17.82 -19.25 -7.29
C THR B 61 16.50 -18.67 -7.43
C THR B 61 16.36 -18.86 -7.36
N VAL B 62 15.93 -18.09 -6.38
CA VAL B 62 14.66 -17.36 -6.42
C VAL B 62 15.01 -15.88 -6.27
N VAL B 63 14.58 -15.06 -7.22
CA VAL B 63 14.94 -13.65 -7.26
C VAL B 63 13.66 -12.84 -7.21
N PRO B 64 13.33 -12.24 -6.07
CA PRO B 64 12.12 -11.42 -5.99
C PRO B 64 12.27 -10.15 -6.83
N SER B 65 11.12 -9.62 -7.26
CA SER B 65 11.07 -8.38 -8.03
C SER B 65 11.42 -7.15 -7.20
N ARG B 66 11.47 -7.27 -5.88
CA ARG B 66 11.71 -6.13 -4.99
C ARG B 66 12.43 -6.63 -3.75
N PRO B 67 13.10 -5.74 -3.02
CA PRO B 67 13.59 -6.13 -1.70
C PRO B 67 12.42 -6.49 -0.80
N VAL B 68 12.66 -7.40 0.14
CA VAL B 68 11.60 -8.00 0.94
C VAL B 68 12.01 -7.98 2.41
N ARG B 69 11.07 -7.61 3.29
CA ARG B 69 11.31 -7.64 4.72
C ARG B 69 11.01 -9.03 5.27
N LEU B 70 12.00 -9.65 5.90
CA LEU B 70 11.80 -10.97 6.48
C LEU B 70 11.38 -10.85 7.93
N PRO B 71 10.62 -11.84 8.45
CA PRO B 71 10.17 -11.80 9.85
C PRO B 71 11.29 -12.07 10.84
N SER C 6 -20.05 14.58 15.95
CA SER C 6 -21.45 14.19 15.94
C SER C 6 -22.08 14.37 14.56
N LEU C 7 -21.65 15.40 13.84
CA LEU C 7 -22.18 15.58 12.49
C LEU C 7 -21.34 14.87 11.44
N GLN C 8 -20.01 14.96 11.55
CA GLN C 8 -19.20 14.46 10.45
C GLN C 8 -19.25 12.94 10.36
N ASP C 9 -19.46 12.26 11.50
CA ASP C 9 -19.47 10.79 11.45
C ASP C 9 -20.63 10.25 10.62
N PRO C 10 -21.91 10.60 10.90
CA PRO C 10 -22.99 10.11 10.03
C PRO C 10 -22.92 10.64 8.60
N TYR C 11 -22.43 11.87 8.42
CA TYR C 11 -22.26 12.42 7.09
C TYR C 11 -21.27 11.60 6.26
N LEU C 12 -20.08 11.37 6.81
CA LEU C 12 -19.08 10.59 6.08
C LEU C 12 -19.52 9.14 5.90
N ASN C 13 -20.25 8.60 6.88
CA ASN C 13 -20.70 7.21 6.76
C ASN C 13 -21.73 7.07 5.64
N THR C 14 -22.61 8.06 5.49
CA THR C 14 -23.56 8.03 4.38
C THR C 14 -22.83 8.10 3.04
N LEU C 15 -21.85 8.99 2.94
CA LEU C 15 -21.07 9.08 1.70
C LEU C 15 -20.36 7.76 1.42
N ARG C 16 -19.87 7.10 2.46
CA ARG C 16 -19.17 5.83 2.30
C ARG C 16 -20.13 4.74 1.88
N LYS C 17 -21.25 4.60 2.59
CA LYS C 17 -22.17 3.50 2.32
C LYS C 17 -22.76 3.59 0.91
N GLU C 18 -23.06 4.80 0.45
CA GLU C 18 -23.72 4.97 -0.82
C GLU C 18 -22.74 5.19 -1.97
N ARG C 19 -21.43 5.12 -1.70
CA ARG C 19 -20.40 5.20 -2.73
C ARG C 19 -20.56 6.47 -3.56
N VAL C 20 -20.91 7.57 -2.90
CA VAL C 20 -21.08 8.85 -3.57
C VAL C 20 -19.69 9.38 -3.95
N PRO C 21 -19.44 9.68 -5.22
CA PRO C 21 -18.18 10.33 -5.57
C PRO C 21 -18.11 11.70 -4.92
N VAL C 22 -16.94 12.01 -4.35
CA VAL C 22 -16.75 13.28 -3.67
C VAL C 22 -15.51 13.98 -4.23
N SER C 23 -15.47 15.28 -4.00
CA SER C 23 -14.26 16.07 -4.13
C SER C 23 -13.85 16.49 -2.73
N ILE C 24 -12.60 16.28 -2.39
CA ILE C 24 -12.04 16.68 -1.10
C ILE C 24 -11.05 17.80 -1.39
N TYR C 25 -11.31 18.99 -0.87
CA TYR C 25 -10.40 20.11 -1.03
C TYR C 25 -9.48 20.19 0.18
N LEU C 26 -8.19 20.28 -0.09
CA LEU C 26 -7.18 20.36 0.95
C LEU C 26 -6.96 21.82 1.36
N VAL C 27 -6.28 21.99 2.49
CA VAL C 27 -6.09 23.34 3.03
C VAL C 27 -5.24 24.21 2.13
N ASN C 28 -4.50 23.62 1.20
CA ASN C 28 -3.75 24.39 0.22
C ASN C 28 -4.54 24.63 -1.07
N GLY C 29 -5.77 24.13 -1.15
CA GLY C 29 -6.62 24.33 -2.31
C GLY C 29 -6.61 23.18 -3.29
N ILE C 30 -5.67 22.24 -3.17
CA ILE C 30 -5.64 21.10 -4.07
C ILE C 30 -6.92 20.28 -3.94
N LYS C 31 -7.46 19.85 -5.08
CA LYS C 31 -8.68 19.06 -5.15
C LYS C 31 -8.32 17.59 -5.35
N LEU C 32 -8.79 16.74 -4.43
CA LEU C 32 -8.74 15.30 -4.59
C LEU C 32 -10.12 14.78 -4.96
N GLN C 33 -10.17 13.61 -5.59
CA GLN C 33 -11.43 13.03 -6.03
C GLN C 33 -11.43 11.51 -5.80
N GLY C 34 -12.61 10.99 -5.47
CA GLY C 34 -12.78 9.56 -5.36
C GLY C 34 -13.99 9.23 -4.52
N GLN C 35 -14.03 7.99 -4.07
CA GLN C 35 -15.07 7.51 -3.16
C GLN C 35 -14.45 7.26 -1.79
N ILE C 36 -15.22 7.52 -0.74
CA ILE C 36 -14.75 7.28 0.61
C ILE C 36 -14.82 5.78 0.88
N GLU C 37 -13.66 5.14 0.94
CA GLU C 37 -13.61 3.72 1.26
C GLU C 37 -13.77 3.48 2.75
N SER C 38 -13.09 4.27 3.57
CA SER C 38 -13.19 4.13 5.02
C SER C 38 -12.73 5.46 5.64
N PHE C 39 -13.03 5.64 6.92
CA PHE C 39 -12.63 6.87 7.60
C PHE C 39 -12.65 6.62 9.09
N ASP C 40 -11.93 7.46 9.82
CA ASP C 40 -12.01 7.50 11.28
C ASP C 40 -11.89 8.96 11.70
N GLN C 41 -11.53 9.19 12.96
CA GLN C 41 -11.45 10.56 13.46
C GLN C 41 -10.19 11.29 13.01
N PHE C 42 -9.27 10.60 12.34
CA PHE C 42 -8.01 11.20 11.90
C PHE C 42 -7.85 11.25 10.40
N VAL C 43 -8.34 10.24 9.66
CA VAL C 43 -8.02 10.11 8.25
C VAL C 43 -9.23 9.62 7.47
N ILE C 44 -9.17 9.83 6.17
CA ILE C 44 -10.12 9.30 5.19
C ILE C 44 -9.33 8.48 4.19
N LEU C 45 -9.76 7.25 3.95
CA LEU C 45 -9.18 6.44 2.88
C LEU C 45 -9.99 6.70 1.61
N LEU C 46 -9.36 7.32 0.63
CA LEU C 46 -10.03 7.79 -0.56
C LEU C 46 -9.62 6.89 -1.73
N LYS C 47 -10.59 6.25 -2.35
CA LYS C 47 -10.32 5.25 -3.37
C LYS C 47 -10.57 5.82 -4.75
N ASN C 48 -9.59 5.65 -5.62
CA ASN C 48 -9.66 6.04 -7.02
C ASN C 48 -8.92 4.98 -7.83
N THR C 49 -7.80 5.36 -8.46
CA THR C 49 -6.93 4.35 -9.05
C THR C 49 -6.17 3.59 -7.96
N VAL C 50 -5.86 4.27 -6.86
CA VAL C 50 -5.21 3.66 -5.71
C VAL C 50 -5.95 4.11 -4.45
N SER C 51 -5.62 3.50 -3.32
CA SER C 51 -6.28 3.85 -2.07
C SER C 51 -5.36 4.82 -1.33
N GLN C 52 -5.61 6.13 -1.47
CA GLN C 52 -4.78 7.14 -0.83
C GLN C 52 -5.39 7.57 0.50
N MET C 53 -4.53 7.74 1.49
CA MET C 53 -4.96 8.15 2.81
C MET C 53 -4.82 9.66 2.91
N VAL C 54 -5.89 10.32 3.36
CA VAL C 54 -5.95 11.77 3.46
C VAL C 54 -6.12 12.12 4.93
N TRP C 55 -5.24 12.97 5.45
CA TRP C 55 -5.34 13.39 6.84
C TRP C 55 -6.37 14.49 6.99
N LYS C 56 -7.30 14.30 7.93
CA LYS C 56 -8.40 15.26 8.08
C LYS C 56 -7.91 16.64 8.48
N HIS C 57 -6.78 16.73 9.19
CA HIS C 57 -6.24 18.04 9.54
C HIS C 57 -5.86 18.85 8.29
N ALA C 58 -5.71 18.21 7.14
CA ALA C 58 -5.35 18.89 5.91
C ALA C 58 -6.55 19.11 5.00
N ILE C 59 -7.76 18.74 5.45
CA ILE C 59 -8.97 18.86 4.65
C ILE C 59 -9.68 20.15 5.01
N SER C 60 -10.11 20.90 4.00
CA SER C 60 -11.00 22.03 4.27
C SER C 60 -12.45 21.68 4.05
N THR C 61 -12.79 21.01 2.94
CA THR C 61 -14.19 20.78 2.66
C THR C 61 -14.34 19.48 1.87
N VAL C 62 -15.43 18.79 2.14
CA VAL C 62 -15.85 17.63 1.37
C VAL C 62 -17.10 18.00 0.61
N VAL C 63 -17.07 17.86 -0.72
CA VAL C 63 -18.19 18.26 -1.57
C VAL C 63 -18.72 17.04 -2.30
N PRO C 64 -19.88 16.50 -1.96
CA PRO C 64 -20.44 15.38 -2.73
C PRO C 64 -20.79 15.82 -4.15
N SER C 65 -20.68 14.87 -5.08
CA SER C 65 -20.98 15.16 -6.47
C SER C 65 -22.48 15.30 -6.72
N ARG C 66 -23.30 14.81 -5.80
CA ARG C 66 -24.75 14.90 -5.90
C ARG C 66 -25.36 15.10 -4.52
N PRO C 67 -26.48 15.81 -4.45
CA PRO C 67 -27.28 15.85 -3.21
C PRO C 67 -27.38 14.48 -2.55
N VAL C 68 -27.25 14.48 -1.22
CA VAL C 68 -27.36 13.29 -0.39
C VAL C 68 -28.13 13.71 0.87
N ARG C 69 -28.76 12.73 1.52
CA ARG C 69 -29.55 13.00 2.72
C ARG C 69 -29.26 11.97 3.81
N LEU C 70 -29.36 12.41 5.05
CA LEU C 70 -29.08 11.54 6.21
C LEU C 70 -30.38 10.99 6.82
CL CL D . 5.95 -3.08 -3.16
#